data_1FZS
#
_entry.id   1FZS
#
_cell.length_a   1.000
_cell.length_b   1.000
_cell.length_c   1.000
_cell.angle_alpha   90.00
_cell.angle_beta   90.00
_cell.angle_gamma   90.00
#
_symmetry.space_group_name_H-M   'P 1'
#
loop_
_entity.id
_entity.type
_entity.pdbx_description
1 polymer "5'-D(*CP*AP*CP*AP*AP*AP*CP*AP*(PYP))-3'"
2 polymer "5'-D(*GP*TP*GP*CP*(3DR)P*TP*GP*TP*TP*TP*GP*TP*G)-3'"
#
loop_
_entity_poly.entity_id
_entity_poly.type
_entity_poly.pdbx_seq_one_letter_code
_entity_poly.pdbx_strand_id
1 'polydeoxyribonucleotide' (DC)(DA)(DC)(DA)(DA)(DA)(DC)(DA)(PYP) A
2 'polydeoxyribonucleotide' (DG)(DT)(DG)(DC)(3DR)(DT)(DG)(DT)(DT)(DT)(DG)(DT)(DG) B
#
loop_
_chem_comp.id
_chem_comp.type
_chem_comp.name
_chem_comp.formula
3DR DNA linking 1',2'-DIDEOXYRIBOFURANOSE-5'-PHOSPHATE 'C5 H11 O6 P'
DA DNA linking 2'-DEOXYADENOSINE-5'-MONOPHOSPHATE 'C10 H14 N5 O6 P'
DC DNA linking 2'-DEOXYCYTIDINE-5'-MONOPHOSPHATE 'C9 H14 N3 O7 P'
DG DNA linking 2'-DEOXYGUANOSINE-5'-MONOPHOSPHATE 'C10 H14 N5 O7 P'
DT DNA linking THYMIDINE-5'-MONOPHOSPHATE 'C10 H15 N2 O8 P'
PYP non-polymer 2'-DEOXYRIBOFURANOSYLPYRENE-5'-MONOPHOSPHATE 'C21 H19 O6 P'
#
# COMPACT_ATOMS: atom_id res chain seq x y z
P PYP A 9 -9.27 2.51 2.61
O1P PYP A 9 -8.66 3.84 2.36
O2P PYP A 9 -10.73 2.40 2.81
O5' PYP A 9 -8.84 1.51 1.40
C5' PYP A 9 -8.31 1.91 0.14
C4' PYP A 9 -6.97 2.66 0.26
O4' PYP A 9 -6.02 1.81 0.94
C1' PYP A 9 -4.92 1.55 0.04
C1 PYP A 9 -5.04 -0.98 0.45
C2 PYP A 9 -4.41 -2.22 0.68
C3 PYP A 9 -2.39 -3.57 1.00
C4 PYP A 9 -0.98 -3.67 1.07
C5 PYP A 9 1.25 -2.58 0.97
C6 PYP A 9 2.06 -1.45 0.79
C7 PYP A 9 1.44 -0.20 0.55
C8 PYP A 9 -0.59 1.16 0.23
C9 PYP A 9 -1.99 1.27 0.15
C10 PYP A 9 -4.21 0.21 0.26
C11 PYP A 9 -2.82 0.09 0.34
C12 PYP A 9 -2.98 -2.27 0.75
C13 PYP A 9 -0.20 -2.46 0.89
C14 PYP A 9 0.00 -0.12 0.48
C15 PYP A 9 -2.20 -1.13 0.57
C16 PYP A 9 -0.81 -1.24 0.65
C2' PYP A 9 -5.54 1.69 -1.35
C3' PYP A 9 -6.34 3.00 -1.09
O3' PYP A 9 -5.45 4.11 -0.96
H5'1 PYP A 9 -9.03 2.55 -0.38
H5'2 PYP A 9 -8.15 1.00 -0.45
H4' PYP A 9 -7.14 3.59 0.81
H1' PYP A 9 -4.25 2.39 0.19
H1 PYP A 9 -6.12 -0.96 0.39
H2 PYP A 9 -5.02 -3.11 0.83
H3 PYP A 9 -3.01 -4.46 1.14
H4 PYP A 9 -0.54 -4.65 1.25
H5 PYP A 9 1.72 -3.54 1.17
H6 PYP A 9 3.14 -1.52 0.85
H7 PYP A 9 2.04 0.70 0.41
H8 PYP A 9 0.04 2.05 0.09
H9 PYP A 9 -2.39 2.26 -0.04
H2'2 PYP A 9 -4.70 1.69 -2.06
H2'1 PYP A 9 -6.22 0.86 -1.53
H3' PYP A 9 -7.16 3.29 -1.75
H3T PYP A 9 -4.99 4.00 -0.13
O5' 3DR B 5 7.37 -2.85 -0.41
P 3DR B 5 7.31 -4.30 0.30
OP1 3DR B 5 8.64 -4.93 0.20
OP2 3DR B 5 6.67 -4.12 1.62
C2' 3DR B 5 6.34 0.15 -1.29
C5' 3DR B 5 8.42 -2.48 -1.32
C4' 3DR B 5 8.15 -1.16 -2.05
O4' 3DR B 5 7.05 -1.23 -2.98
C1' 3DR B 5 6.24 -0.07 -2.78
C3' 3DR B 5 7.84 0.01 -1.10
O3' 3DR B 5 8.52 1.22 -1.46
H2' 3DR B 5 5.82 -0.68 -0.81
H2'' 3DR B 5 5.95 1.14 -1.04
H5' 3DR B 5 8.56 -3.27 -2.06
H5'' 3DR B 5 9.33 -2.36 -0.74
H4'1 3DR B 5 9.04 -0.88 -2.61
H1'1 3DR B 5 6.64 0.80 -3.30
H1'2 3DR B 5 5.21 -0.26 -3.10
H3' 3DR B 5 8.09 -0.26 -0.07
P PYP A 9 -9.34 2.31 2.04
O1P PYP A 9 -8.83 3.65 1.69
O2P PYP A 9 -10.78 2.13 2.35
O5' PYP A 9 -8.96 1.26 0.86
C5' PYP A 9 -8.34 1.60 -0.39
C4' PYP A 9 -7.01 2.35 -0.23
O4' PYP A 9 -6.07 1.55 0.52
C1' PYP A 9 -4.96 1.24 -0.35
C1 PYP A 9 -5.10 -1.28 0.11
C2 PYP A 9 -4.52 -2.52 0.43
C3 PYP A 9 -2.52 -3.87 0.94
C4 PYP A 9 -1.13 -3.96 1.11
C5 PYP A 9 1.10 -2.90 1.15
C6 PYP A 9 1.93 -1.75 1.02
C7 PYP A 9 1.34 -0.52 0.70
C8 PYP A 9 -0.65 0.85 0.20
C9 PYP A 9 -2.04 0.96 0.02
C10 PYP A 9 -4.27 -0.10 -0.02
C11 PYP A 9 -2.89 -0.21 0.16
C12 PYP A 9 -3.09 -2.57 0.60
C13 PYP A 9 -0.32 -2.77 0.96
C14 PYP A 9 -0.10 -0.44 0.52
C15 PYP A 9 -2.29 -1.44 0.47
C16 PYP A 9 -0.92 -1.55 0.65
C2' PYP A 9 -5.52 1.33 -1.76
C3' PYP A 9 -6.34 2.65 -1.58
O3' PYP A 9 -5.43 3.75 -1.45
H5'1 PYP A 9 -9.03 2.20 -0.99
H5'2 PYP A 9 -8.15 0.65 -0.92
H4' PYP A 9 -7.20 3.30 0.27
H1' PYP A 9 -4.28 2.08 -0.23
H1 PYP A 9 -6.18 -1.26 -0.03
H2 PYP A 9 -5.13 -3.41 0.53
H3 PYP A 9 -3.16 -4.74 1.03
H4 PYP A 9 -0.67 -4.92 1.35
H5 PYP A 9 1.54 -3.87 1.40
H6 PYP A 9 3.01 -1.85 1.16
H7 PYP A 9 1.93 0.39 0.59
H8 PYP A 9 -0.01 1.73 0.10
H9 PYP A 9 -2.41 1.95 -0.23
H2'2 PYP A 9 -4.68 1.28 -2.44
H2'1 PYP A 9 -6.22 0.51 -1.92
H3' PYP A 9 -7.12 2.93 -2.28
H3T PYP A 9 -5.88 4.43 -0.96
O5' 3DR B 5 6.53 -2.96 0.43
P 3DR B 5 5.51 -4.16 0.07
OP1 3DR B 5 6.22 -5.45 0.23
OP2 3DR B 5 4.25 -3.92 0.82
C2' 3DR B 5 6.42 -0.17 -0.53
C5' 3DR B 5 7.90 -2.89 0.00
C4' 3DR B 5 8.22 -1.62 -0.80
O4' 3DR B 5 7.48 -1.60 -2.05
C1' 3DR B 5 6.57 -0.47 -2.01
C3' 3DR B 5 7.84 -0.33 -0.05
O3' 3DR B 5 8.65 0.80 -0.40
H2' 3DR B 5 5.82 -0.99 -0.10
H2'' 3DR B 5 5.98 0.82 -0.41
H5' 3DR B 5 8.15 -3.77 -0.61
H5'' 3DR B 5 8.53 -2.91 0.89
H4'1 3DR B 5 9.28 -1.60 -1.03
H1'1 3DR B 5 6.98 0.42 -2.50
H1'2 3DR B 5 5.62 -0.75 -2.46
H3' 3DR B 5 7.90 -0.50 1.03
P PYP A 9 -8.58 2.77 1.99
O1P PYP A 9 -7.91 4.04 1.60
O2P PYP A 9 -10.05 2.76 2.19
O5' PYP A 9 -8.22 1.63 0.89
C5' PYP A 9 -7.55 1.84 -0.37
C4' PYP A 9 -6.20 2.54 -0.21
O4' PYP A 9 -5.31 1.75 0.62
C1' PYP A 9 -4.14 1.43 -0.16
C1 PYP A 9 -4.23 -1.02 0.55
C2 PYP A 9 -3.60 -2.21 0.97
C3 PYP A 9 -1.56 -3.46 1.57
C4 PYP A 9 -0.16 -3.51 1.75
C5 PYP A 9 2.05 -2.39 1.67
C6 PYP A 9 2.84 -1.24 1.42
C7 PYP A 9 2.20 -0.06 0.99
C8 PYP A 9 0.18 1.20 0.39
C9 PYP A 9 -1.21 1.26 0.21
C10 PYP A 9 -3.42 0.15 0.30
C11 PYP A 9 -2.03 0.09 0.46
C12 PYP A 9 -2.17 -2.22 1.14
C13 PYP A 9 0.61 -2.32 1.48
C14 PYP A 9 0.76 -0.04 0.82
C15 PYP A 9 -1.40 -1.08 0.89
C16 PYP A 9 -0.02 -1.16 1.06
C2' PYP A 9 -4.64 1.41 -1.60
C3' PYP A 9 -5.47 2.73 -1.55
O3' PYP A 9 -4.56 3.85 -1.46
H5'1 PYP A 9 -8.20 2.43 -1.01
H5'2 PYP A 9 -7.40 0.86 -0.83
H4' PYP A 9 -6.40 3.52 0.23
H1' PYP A 9 -3.50 2.30 -0.04
H1 PYP A 9 -5.30 -1.04 0.41
H2 PYP A 9 -4.21 -3.10 1.17
H3 PYP A 9 -2.18 -4.34 1.77
H4 PYP A 9 0.32 -4.43 2.08
H5 PYP A 9 2.52 -3.31 1.99
H6 PYP A 9 3.92 -1.26 1.54
H7 PYP A 9 2.75 0.86 0.79
H8 PYP A 9 0.80 2.08 0.19
H9 PYP A 9 -1.60 2.22 -0.13
H2'2 PYP A 9 -3.76 1.32 -2.24
H2'1 PYP A 9 -5.32 0.57 -1.73
H3' PYP A 9 -6.23 2.96 -2.30
H3T PYP A 9 -5.06 4.58 -1.09
O5' 3DR B 5 8.05 -2.39 0.03
P 3DR B 5 7.98 -3.86 0.70
OP1 3DR B 5 9.27 -4.11 1.40
OP2 3DR B 5 6.72 -3.96 1.47
C2' 3DR B 5 7.21 0.63 -0.34
C5' 3DR B 5 9.25 -1.91 -0.62
C4' 3DR B 5 9.08 -0.50 -1.20
O4' 3DR B 5 8.07 -0.46 -2.22
C1' 3DR B 5 7.15 0.59 -1.87
C3' 3DR B 5 8.71 0.56 -0.14
O3' 3DR B 5 9.31 1.84 -0.37
H2' 3DR B 5 6.72 -0.27 0.02
H2'' 3DR B 5 6.80 1.57 0.01
H5' 3DR B 5 9.51 -2.59 -1.43
H5'' 3DR B 5 10.06 -1.90 0.11
H4'1 3DR B 5 10.03 -0.19 -1.64
H1'1 3DR B 5 7.48 1.56 -2.25
H1'2 3DR B 5 6.14 0.38 -2.22
H3' 3DR B 5 8.97 0.22 0.87
P PYP A 9 -8.87 2.56 2.46
O1P PYP A 9 -8.29 3.90 2.23
O2P PYP A 9 -10.35 2.43 2.61
O5' PYP A 9 -8.39 1.56 1.28
C5' PYP A 9 -7.71 1.96 0.08
C4' PYP A 9 -6.37 2.65 0.36
O4' PYP A 9 -5.49 1.72 1.03
C1' PYP A 9 -4.30 1.56 0.22
C1 PYP A 9 -4.33 -0.97 0.60
C2 PYP A 9 -3.66 -2.21 0.77
C3 PYP A 9 -1.57 -3.51 0.91
C4 PYP A 9 -0.16 -3.56 0.87
C5 PYP A 9 2.02 -2.41 0.60
C6 PYP A 9 2.78 -1.23 0.39
C7 PYP A 9 2.09 0.00 0.22
C8 PYP A 9 0.02 1.30 0.09
C9 PYP A 9 -1.38 1.36 0.13
C10 PYP A 9 -3.55 0.23 0.39
C11 PYP A 9 -2.17 0.15 0.35
C12 PYP A 9 -2.22 -2.22 0.73
C13 PYP A 9 0.57 -2.34 0.64
C14 PYP A 9 0.65 0.02 0.27
C15 PYP A 9 -1.50 -1.06 0.52
C16 PYP A 9 -0.11 -1.13 0.48
C2' PYP A 9 -4.79 1.81 -1.20
C3' PYP A 9 -5.63 3.07 -0.92
O3' PYP A 9 -4.77 4.18 -0.66
H5'1 PYP A 9 -8.36 2.64 -0.48
H5'2 PYP A 9 -7.54 1.07 -0.52
H4' PYP A 9 -6.57 3.54 0.96
H1' PYP A 9 -3.66 2.39 0.53
H1 PYP A 9 -5.42 -0.99 0.62
H2 PYP A 9 -4.25 -3.11 0.95
H3 PYP A 9 -2.15 -4.42 1.08
H4 PYP A 9 0.36 -4.51 1.00
H5 PYP A 9 2.52 -3.36 0.74
H6 PYP A 9 3.87 -1.27 0.36
H7 PYP A 9 2.62 0.93 0.06
H8 PYP A 9 0.61 2.20 -0.07
H9 PYP A 9 -1.82 2.35 -0.02
H2'2 PYP A 9 -3.90 1.85 -1.83
H2'1 PYP A 9 -5.44 0.99 -1.49
H3' PYP A 9 -6.41 3.39 -1.62
H3T PYP A 9 -4.33 4.00 0.18
O5' 3DR B 5 7.44 -1.89 -0.53
P 3DR B 5 6.81 -3.38 -0.34
OP1 3DR B 5 7.82 -4.23 0.33
OP2 3DR B 5 5.46 -3.24 0.25
C2' 3DR B 5 7.15 0.95 -0.97
C5' 3DR B 5 8.84 -1.64 -0.77
C4' 3DR B 5 9.10 -0.25 -1.34
O4' 3DR B 5 8.45 -0.06 -2.62
C1' 3DR B 5 7.42 0.91 -2.46
C3' 3DR B 5 8.57 0.88 -0.44
O3' 3DR B 5 9.26 2.14 -0.60
H2' 3DR B 5 6.64 0.03 -0.70
H2'' 3DR B 5 6.62 1.87 -0.72
H5' 3DR B 5 9.22 -2.38 -1.49
H5'' 3DR B 5 9.37 -1.76 0.17
H4'1 3DR B 5 10.17 -0.11 -1.46
H1'1 3DR B 5 7.72 1.91 -2.79
H1'2 3DR B 5 6.52 0.61 -3.01
H3' 3DR B 5 8.61 0.58 0.61
P PYP A 9 -9.37 2.08 1.58
O1P PYP A 9 -8.83 3.39 1.14
O2P PYP A 9 -10.82 1.96 1.86
O5' PYP A 9 -8.97 0.95 0.50
C5' PYP A 9 -8.28 1.18 -0.74
C4' PYP A 9 -6.94 1.92 -0.57
O4' PYP A 9 -6.04 1.15 0.26
C1' PYP A 9 -4.85 0.87 -0.50
C1 PYP A 9 -4.85 -1.58 0.21
C2 PYP A 9 -4.20 -2.74 0.65
C3 PYP A 9 -2.13 -3.91 1.33
C4 PYP A 9 -0.74 -3.90 1.53
C5 PYP A 9 1.43 -2.71 1.47
C6 PYP A 9 2.19 -1.53 1.22
C7 PYP A 9 1.52 -0.37 0.78
C8 PYP A 9 -0.52 0.80 0.10
C9 PYP A 9 -1.92 0.82 -0.10
C10 PYP A 9 -4.08 -0.38 -0.05
C11 PYP A 9 -2.70 -0.39 0.15
C12 PYP A 9 -2.77 -2.70 0.86
C13 PYP A 9 -0.01 -2.69 1.26
C14 PYP A 9 0.09 -0.41 0.57
C15 PYP A 9 -2.04 -1.54 0.60
C16 PYP A 9 -0.66 -1.55 0.81
C2' PYP A 9 -5.32 0.86 -1.95
C3' PYP A 9 -6.20 2.15 -1.89
O3' PYP A 9 -5.35 3.31 -1.79
H5'1 PYP A 9 -8.93 1.76 -1.39
H5'2 PYP A 9 -8.09 0.20 -1.21
H4' PYP A 9 -7.18 2.89 -0.11
H1' PYP A 9 -4.23 1.77 -0.36
H1 PYP A 9 -5.93 -1.63 0.04
H2 PYP A 9 -4.76 -3.65 0.85
H3 PYP A 9 -2.72 -4.81 1.52
H4 PYP A 9 -0.22 -4.80 1.88
H5 PYP A 9 1.93 -3.61 1.83
H6 PYP A 9 3.27 -1.55 1.39
H7 PYP A 9 2.06 0.55 0.57
H8 PYP A 9 0.06 1.70 -0.08
H9 PYP A 9 -2.33 1.75 -0.46
H2'2 PYP A 9 -4.44 0.82 -2.58
H2'1 PYP A 9 -5.97 -0.01 -2.10
H3' PYP A 9 -6.96 2.35 -2.64
H3T PYP A 9 -4.94 3.28 -0.92
O5' 3DR B 5 6.82 -2.58 0.53
P 3DR B 5 5.97 -3.94 0.38
OP1 3DR B 5 6.81 -5.07 0.80
OP2 3DR B 5 4.66 -3.72 1.04
C2' 3DR B 5 6.58 0.18 -0.45
C5' 3DR B 5 8.21 -2.44 0.16
C4' 3DR B 5 8.47 -1.16 -0.66
O4' 3DR B 5 7.78 -1.19 -1.92
C1' 3DR B 5 6.81 -0.15 -1.92
C3' 3DR B 5 8.00 0.12 0.06
O3' 3DR B 5 8.74 1.31 -0.31
H2' 3DR B 5 6.03 -0.65 0.00
H2'' 3DR B 5 6.11 1.15 -0.37
H5' 3DR B 5 8.54 -3.30 -0.43
H5'' 3DR B 5 8.80 -2.40 1.08
H4'1 3DR B 5 9.55 -1.08 -0.84
H1'1 3DR B 5 7.15 0.75 -2.42
H1'2 3DR B 5 5.88 -0.49 -2.38
H3' 3DR B 5 8.06 0.00 1.15
P PYP A 9 -9.49 1.75 2.43
O1P PYP A 9 -10.29 2.99 2.40
O2P PYP A 9 -9.96 0.56 1.69
O5' PYP A 9 -8.00 2.09 1.88
C5' PYP A 9 -7.40 3.33 2.26
C4' PYP A 9 -6.05 3.65 1.62
O4' PYP A 9 -5.01 2.69 1.93
C1' PYP A 9 -4.35 2.28 0.73
C1 PYP A 9 -4.52 -0.18 1.38
C2 PYP A 9 -3.96 -1.46 1.59
C3 PYP A 9 -2.04 -2.99 1.50
C4 PYP A 9 -0.69 -3.23 1.20
C5 PYP A 9 1.49 -2.43 0.37
C6 PYP A 9 2.31 -1.40 -0.14
C7 PYP A 9 1.75 -0.11 -0.35
C8 PYP A 9 -0.16 1.43 -0.26
C9 PYP A 9 -1.51 1.69 0.03
C10 PYP A 9 -3.69 0.89 0.86
C11 PYP A 9 -2.35 0.63 0.56
C12 PYP A 9 -2.57 -1.66 1.26
C13 PYP A 9 0.11 -2.15 0.68
C14 PYP A 9 0.36 0.11 -0.04
C15 PYP A 9 -1.79 -0.63 0.76
C16 PYP A 9 -0.45 -0.89 0.47
C2' PYP A 9 -5.43 2.38 -0.34
C3' PYP A 9 -6.04 3.75 0.07
O3' PYP A 9 -5.14 4.79 -0.32
H5'1 PYP A 9 -7.25 3.33 3.34
H5'2 PYP A 9 -8.08 4.14 2.00
H4' PYP A 9 -5.82 4.64 2.03
H1' PYP A 9 -3.60 3.04 0.52
H1 PYP A 9 -5.57 -0.03 1.64
H2 PYP A 9 -4.53 -2.31 1.97
H3 PYP A 9 -2.68 -3.78 1.89
H4 PYP A 9 -0.26 -4.22 1.36
H5 PYP A 9 1.91 -3.42 0.54
H6 PYP A 9 3.36 -1.62 -0.37
H7 PYP A 9 2.35 0.70 -0.76
H8 PYP A 9 0.46 2.24 -0.67
H9 PYP A 9 -1.82 2.71 -0.20
H2'2 PYP A 9 -4.92 2.27 -1.29
H2'1 PYP A 9 -6.15 1.59 -0.15
H3' PYP A 9 -7.05 4.03 -0.23
H3T PYP A 9 -5.41 5.59 0.14
O5' 3DR B 5 6.88 -2.75 -1.25
P 3DR B 5 6.17 -4.14 -0.83
OP1 3DR B 5 7.19 -4.99 -0.15
OP2 3DR B 5 4.91 -3.82 -0.12
C2' 3DR B 5 6.90 0.20 -1.60
C5' 3DR B 5 8.30 -2.62 -1.50
C4' 3DR B 5 8.69 -1.21 -1.99
O4' 3DR B 5 8.08 -0.92 -3.27
C1' 3DR B 5 7.19 0.19 -3.09
C3' 3DR B 5 8.27 -0.08 -1.05
O3' 3DR B 5 9.11 1.09 -1.13
H2' 3DR B 5 6.26 -0.66 -1.38
H2'' 3DR B 5 6.49 1.16 -1.30
H5' 3DR B 5 8.61 -3.35 -2.24
H5'' 3DR B 5 8.83 -2.81 -0.55
H4'1 3DR B 5 9.77 -1.19 -2.12
H1'1 3DR B 5 7.64 1.14 -3.35
H1'2 3DR B 5 6.27 0.04 -3.66
H3' 3DR B 5 8.27 -0.43 -0.02
P PYP A 9 -9.18 2.27 2.57
O1P PYP A 9 -9.97 3.52 2.66
O2P PYP A 9 -9.66 1.16 1.72
O5' PYP A 9 -7.69 2.66 2.07
C5' PYP A 9 -7.02 3.76 2.70
C4' PYP A 9 -5.65 4.11 2.14
O4' PYP A 9 -4.69 3.04 2.29
C1' PYP A 9 -4.03 2.82 1.02
C1 PYP A 9 -4.39 0.30 1.17
C2 PYP A 9 -3.92 -1.03 1.11
C3 PYP A 9 -2.11 -2.64 0.73
C4 PYP A 9 -0.76 -2.92 0.41
C5 PYP A 9 1.49 -2.11 -0.18
C6 PYP A 9 2.40 -1.06 -0.46
C7 PYP A 9 1.92 0.27 -0.41
C8 PYP A 9 0.12 1.90 -0.06
C9 PYP A 9 -1.22 2.19 0.26
C10 PYP A 9 -3.48 1.40 0.89
C11 PYP A 9 -2.15 1.11 0.56
C12 PYP A 9 -2.54 -1.26 0.77
C13 PYP A 9 0.12 -1.80 0.14
C14 PYP A 9 0.54 0.53 -0.09
C15 PYP A 9 -1.68 -0.20 0.50
C16 PYP A 9 -0.35 -0.49 0.19
C2' PYP A 9 -5.08 3.22 -0.02
C3' PYP A 9 -5.59 4.52 0.66
O3' PYP A 9 -4.59 5.54 0.48
H5'1 PYP A 9 -6.92 3.54 3.76
H5'2 PYP A 9 -7.66 4.64 2.60
H4' PYP A 9 -5.37 4.97 2.76
H1' PYP A 9 -3.23 3.55 0.97
H1 PYP A 9 -5.44 0.47 1.43
H2 PYP A 9 -4.55 -1.90 1.30
H3 PYP A 9 -2.80 -3.45 0.94
H4 PYP A 9 -0.41 -3.95 0.35
H5 PYP A 9 1.84 -3.15 -0.20
H6 PYP A 9 3.43 -1.30 -0.70
H7 PYP A 9 2.59 1.11 -0.62
H8 PYP A 9 0.79 2.73 -0.28
H9 PYP A 9 -1.44 3.25 0.25
H2'2 PYP A 9 -4.55 3.26 -0.97
H2'1 PYP A 9 -5.88 2.47 -0.01
H3' PYP A 9 -6.56 4.93 0.40
H3T PYP A 9 -4.81 6.26 1.08
O5' 3DR B 5 6.98 -2.52 -1.67
P 3DR B 5 6.23 -3.95 -1.60
OP1 3DR B 5 7.21 -4.97 -1.15
OP2 3DR B 5 4.98 -3.78 -0.83
C2' 3DR B 5 7.10 0.46 -1.54
C5' 3DR B 5 8.40 -2.39 -1.86
C4' 3DR B 5 8.85 -0.94 -2.13
O4' 3DR B 5 8.27 -0.43 -3.35
C1' 3DR B 5 7.42 0.67 -3.01
C3' 3DR B 5 8.44 0.04 -1.01
O3' 3DR B 5 9.31 1.18 -0.89
H2' 3DR B 5 6.41 -0.39 -1.47
H2'' 3DR B 5 6.74 1.39 -1.12
H5' 3DR B 5 8.72 -3.01 -2.70
H5'' 3DR B 5 8.90 -2.75 -0.95
H4'1 3DR B 5 9.94 -0.93 -2.22
H1'1 3DR B 5 7.93 1.63 -3.12
H1'2 3DR B 5 6.51 0.66 -3.62
H3' 3DR B 5 8.39 -0.47 -0.06
P PYP A 9 -9.03 1.09 1.49
O1P PYP A 9 -9.96 2.22 1.32
O2P PYP A 9 -9.27 -0.17 0.74
O5' PYP A 9 -7.54 1.60 1.15
C5' PYP A 9 -7.10 2.82 1.76
C4' PYP A 9 -5.70 3.28 1.37
O4' PYP A 9 -4.68 2.32 1.76
C1' PYP A 9 -3.82 2.06 0.63
C1 PYP A 9 -3.95 -0.49 0.95
C2 PYP A 9 -3.34 -1.77 1.06
C3 PYP A 9 -1.33 -3.19 1.05
C4 PYP A 9 0.07 -3.34 0.93
C5 PYP A 9 2.29 -2.30 0.55
C6 PYP A 9 3.11 -1.19 0.31
C7 PYP A 9 2.49 0.08 0.20
C8 PYP A 9 0.50 1.51 0.19
C9 PYP A 9 -0.89 1.66 0.32
C10 PYP A 9 -3.13 0.68 0.70
C11 PYP A 9 -1.75 0.51 0.57
C12 PYP A 9 -1.91 -1.87 0.92
C13 PYP A 9 0.85 -2.15 0.68
C14 PYP A 9 1.06 0.19 0.32
C15 PYP A 9 -1.14 -0.75 0.68
C16 PYP A 9 0.25 -0.90 0.55
C2' PYP A 9 -4.74 2.24 -0.58
C3' PYP A 9 -5.45 3.55 -0.12
O3' PYP A 9 -4.53 4.64 -0.27
H5'1 PYP A 9 -7.13 2.70 2.84
H5'2 PYP A 9 -7.80 3.61 1.48
H4' PYP A 9 -5.62 4.21 1.93
H1' PYP A 9 -3.10 2.86 0.60
H1 PYP A 9 -5.03 -0.42 1.07
H2 PYP A 9 -3.91 -2.67 1.24
H3 PYP A 9 -1.96 -4.06 1.23
H4 PYP A 9 0.53 -4.32 0.99
H5 PYP A 9 2.76 -3.29 0.66
H6 PYP A 9 4.19 -1.30 0.22
H7 PYP A 9 3.09 0.98 0.01
H8 PYP A 9 1.11 2.39 -0.01
H9 PYP A 9 -1.22 2.70 0.19
H2'2 PYP A 9 -4.10 2.24 -1.45
H2'1 PYP A 9 -5.47 1.43 -0.58
H3' PYP A 9 -6.42 3.84 -0.55
H3T PYP A 9 -4.92 5.39 0.20
O5' 3DR B 5 9.26 -2.29 -1.07
P 3DR B 5 9.42 -3.89 -0.88
OP1 3DR B 5 10.76 -4.29 -1.36
OP2 3DR B 5 9.02 -4.23 0.51
C2' 3DR B 5 7.57 0.70 -1.42
C5' 3DR B 5 10.18 -1.50 -1.83
C4' 3DR B 5 9.60 -0.15 -2.27
O4' 3DR B 5 8.53 -0.29 -3.25
C1' 3DR B 5 7.57 0.71 -2.93
C3' 3DR B 5 9.05 0.73 -1.14
O3' 3DR B 5 9.51 2.09 -1.19
H2' 3DR B 5 7.12 -0.25 -1.11
H2'' 3DR B 5 7.08 1.60 -1.05
H5' 3DR B 5 10.49 -2.04 -2.72
H5'' 3DR B 5 11.06 -1.30 -1.21
H4'1 3DR B 5 10.40 0.43 -2.75
H1'1 3DR B 5 7.87 1.69 -3.30
H1'2 3DR B 5 6.59 0.45 -3.34
H3' 3DR B 5 9.27 0.30 -0.16
#